data_1GL0
#
_entry.id   1GL0
#
_cell.length_a   85.853
_cell.length_b   85.853
_cell.length_c   187.983
_cell.angle_alpha   90.00
_cell.angle_beta   90.00
_cell.angle_gamma   120.00
#
_symmetry.space_group_name_H-M   'P 65 2 2'
#
loop_
_entity.id
_entity.type
_entity.pdbx_description
1 polymer 'CHYMOTRYPSINOGEN A'
2 polymer 'PROTEASE INHIBITOR LCMI I'
3 non-polymer 'CADMIUM ION'
4 water water
#
loop_
_entity_poly.entity_id
_entity_poly.type
_entity_poly.pdbx_seq_one_letter_code
_entity_poly.pdbx_strand_id
1 'polypeptide(L)'
;CGVPAIQPVLSGLSRIVNGEEAVPGSWPWQVSLQDKTGFHFCGGSLINENWVVTAAHCGVTTSDVVVAGEFDQGSSSEKI
QKLKIAKVFKNSKYNSLTINNDITLLKLSTAASFSQTVSAVCLPSASDDFAAGTTCVTTGWGLTRYTNANTPDRLQQASL
PLLSNTNCKKYWGTKIKDAMICAGASGVSSCMGDSGGPLVCKKNGAWTLVGIVSWGSSTCSTSTPGVYARVTALVNWVQQ
TLAAN
;
E
2 'polypeptide(L)' EEKCTPGQVKQQDCNTCTCTPTGVWGCTLMGCQPA I
#
# COMPACT_ATOMS: atom_id res chain seq x y z
N CYS A 1 14.88 5.76 10.82
CA CYS A 1 13.94 5.22 9.80
C CYS A 1 13.97 6.08 8.54
N GLY A 2 13.38 5.56 7.47
CA GLY A 2 13.31 6.30 6.22
C GLY A 2 14.62 6.76 5.59
N VAL A 3 15.67 5.97 5.76
CA VAL A 3 16.97 6.31 5.19
C VAL A 3 17.57 5.03 4.59
N PRO A 4 17.26 4.74 3.31
CA PRO A 4 17.78 3.53 2.67
C PRO A 4 19.31 3.56 2.51
N ALA A 5 19.94 2.41 2.73
CA ALA A 5 21.39 2.29 2.60
C ALA A 5 21.72 2.36 1.11
N ILE A 6 20.77 1.93 0.29
CA ILE A 6 20.93 1.94 -1.15
C ILE A 6 19.98 3.03 -1.65
N GLN A 7 20.52 4.22 -1.93
CA GLN A 7 19.70 5.32 -2.40
C GLN A 7 18.92 5.00 -3.66
N PRO A 8 17.58 5.17 -3.62
CA PRO A 8 16.69 4.91 -4.76
C PRO A 8 16.82 5.95 -5.85
N VAL A 9 16.90 5.51 -7.09
CA VAL A 9 17.01 6.42 -8.23
C VAL A 9 15.66 6.51 -8.91
N LEU A 10 15.16 7.73 -9.06
CA LEU A 10 13.87 7.92 -9.72
C LEU A 10 13.97 8.80 -10.95
N SER A 11 13.42 8.31 -12.06
CA SER A 11 13.43 9.04 -13.32
C SER A 11 12.37 10.13 -13.32
N ILE A 16 1.79 -1.75 -10.35
CA ILE A 16 1.83 -0.33 -10.69
C ILE A 16 1.86 -0.16 -12.20
N VAL A 17 0.77 0.38 -12.74
CA VAL A 17 0.66 0.62 -14.17
C VAL A 17 1.56 1.80 -14.54
N ASN A 18 2.44 1.58 -15.52
CA ASN A 18 3.38 2.62 -15.97
C ASN A 18 4.49 2.92 -14.99
N GLY A 19 4.81 1.93 -14.16
CA GLY A 19 5.87 2.13 -13.18
C GLY A 19 7.24 1.97 -13.81
N GLU A 20 8.19 1.50 -13.03
CA GLU A 20 9.55 1.29 -13.50
C GLU A 20 10.29 0.49 -12.44
N GLU A 21 11.21 -0.35 -12.87
CA GLU A 21 11.99 -1.18 -11.95
C GLU A 21 12.73 -0.33 -10.96
N ALA A 22 12.62 -0.69 -9.69
CA ALA A 22 13.30 0.03 -8.64
C ALA A 22 14.73 -0.51 -8.55
N VAL A 23 15.63 0.25 -7.94
CA VAL A 23 16.99 -0.21 -7.76
C VAL A 23 16.84 -1.25 -6.65
N PRO A 24 17.41 -2.45 -6.82
CA PRO A 24 17.30 -3.51 -5.81
C PRO A 24 17.64 -3.06 -4.40
N GLY A 25 16.68 -3.21 -3.49
CA GLY A 25 16.89 -2.83 -2.10
C GLY A 25 16.87 -1.35 -1.81
N SER A 26 16.43 -0.53 -2.76
CA SER A 26 16.38 0.92 -2.55
C SER A 26 15.15 1.36 -1.76
N TRP A 27 14.24 0.42 -1.50
CA TRP A 27 13.04 0.69 -0.72
C TRP A 27 13.01 -0.41 0.34
N PRO A 28 14.03 -0.43 1.23
CA PRO A 28 14.21 -1.42 2.31
C PRO A 28 13.06 -1.80 3.25
N TRP A 29 12.03 -0.95 3.34
CA TRP A 29 10.91 -1.22 4.23
C TRP A 29 9.74 -1.92 3.57
N GLN A 30 9.83 -2.13 2.26
CA GLN A 30 8.80 -2.78 1.45
C GLN A 30 8.80 -4.30 1.60
N VAL A 31 7.75 -4.86 2.20
CA VAL A 31 7.64 -6.31 2.35
C VAL A 31 6.52 -6.84 1.48
N SER A 32 6.52 -8.17 1.31
CA SER A 32 5.50 -8.83 0.52
C SER A 32 4.76 -9.84 1.39
N LEU A 33 3.44 -9.79 1.36
CA LEU A 33 2.61 -10.72 2.14
C LEU A 33 2.23 -11.87 1.22
N GLN A 34 2.61 -13.09 1.60
CA GLN A 34 2.32 -14.26 0.79
C GLN A 34 1.59 -15.35 1.56
N ASP A 35 0.78 -16.12 0.85
CA ASP A 35 0.03 -17.21 1.48
C ASP A 35 0.95 -18.42 1.61
N LYS A 36 0.41 -19.52 2.16
CA LYS A 36 1.18 -20.75 2.36
C LYS A 36 2.00 -21.18 1.13
N THR A 37 1.40 -21.10 -0.04
CA THR A 37 2.04 -21.52 -1.28
C THR A 37 3.02 -20.53 -1.90
N GLY A 38 3.18 -19.37 -1.27
CA GLY A 38 4.10 -18.38 -1.80
C GLY A 38 3.47 -17.37 -2.73
N PHE A 39 2.14 -17.35 -2.79
CA PHE A 39 1.44 -16.40 -3.66
C PHE A 39 1.42 -15.01 -3.03
N HIS A 40 1.83 -14.01 -3.83
CA HIS A 40 1.85 -12.61 -3.37
C HIS A 40 0.46 -11.99 -3.55
N PHE A 41 -0.13 -11.53 -2.46
CA PHE A 41 -1.45 -10.92 -2.54
C PHE A 41 -1.52 -9.48 -2.04
N CYS A 42 -0.48 -9.01 -1.36
CA CYS A 42 -0.46 -7.65 -0.84
C CYS A 42 0.92 -7.17 -0.45
N GLY A 43 1.07 -5.85 -0.35
CA GLY A 43 2.33 -5.27 0.05
C GLY A 43 2.21 -4.87 1.51
N GLY A 44 3.30 -4.39 2.09
CA GLY A 44 3.28 -3.96 3.48
C GLY A 44 4.53 -3.17 3.76
N SER A 45 4.56 -2.45 4.87
CA SER A 45 5.73 -1.65 5.21
C SER A 45 6.22 -1.92 6.63
N LEU A 46 7.52 -2.10 6.79
CA LEU A 46 8.12 -2.34 8.10
C LEU A 46 8.21 -0.99 8.80
N ILE A 47 7.62 -0.86 9.98
CA ILE A 47 7.69 0.40 10.70
C ILE A 47 8.73 0.32 11.83
N ASN A 48 9.16 -0.91 12.13
CA ASN A 48 10.21 -1.17 13.11
C ASN A 48 10.55 -2.66 12.98
N GLU A 49 11.44 -3.18 13.81
CA GLU A 49 11.84 -4.58 13.67
C GLU A 49 10.77 -5.65 13.92
N ASN A 50 9.68 -5.30 14.60
CA ASN A 50 8.63 -6.28 14.92
C ASN A 50 7.27 -6.05 14.30
N TRP A 51 7.07 -4.91 13.65
CA TRP A 51 5.77 -4.63 13.08
C TRP A 51 5.72 -4.26 11.61
N VAL A 52 4.63 -4.65 10.95
CA VAL A 52 4.43 -4.32 9.55
C VAL A 52 3.03 -3.72 9.47
N VAL A 53 2.89 -2.62 8.73
CA VAL A 53 1.59 -2.00 8.57
C VAL A 53 1.12 -2.32 7.16
N THR A 54 -0.14 -2.68 7.01
CA THR A 54 -0.68 -3.01 5.70
C THR A 54 -2.16 -2.60 5.64
N ALA A 55 -2.82 -2.80 4.51
CA ALA A 55 -4.24 -2.44 4.37
C ALA A 55 -5.10 -3.50 5.07
N ALA A 56 -6.21 -3.06 5.68
CA ALA A 56 -7.09 -3.98 6.38
C ALA A 56 -7.83 -4.92 5.46
N HIS A 57 -8.09 -4.50 4.24
CA HIS A 57 -8.81 -5.35 3.30
C HIS A 57 -7.99 -6.49 2.72
N CYS A 58 -6.74 -6.61 3.11
CA CYS A 58 -5.93 -7.72 2.58
C CYS A 58 -6.29 -8.99 3.34
N GLY A 59 -6.98 -8.82 4.46
CA GLY A 59 -7.40 -9.95 5.25
C GLY A 59 -6.24 -10.91 5.49
N VAL A 60 -5.24 -10.44 6.20
CA VAL A 60 -4.08 -11.27 6.49
C VAL A 60 -4.34 -12.11 7.73
N THR A 61 -3.88 -13.35 7.71
CA THR A 61 -4.06 -14.25 8.84
C THR A 61 -2.69 -14.70 9.32
N THR A 62 -2.61 -15.15 10.56
CA THR A 62 -1.34 -15.61 11.11
C THR A 62 -0.83 -16.77 10.28
N SER A 63 -1.67 -17.25 9.38
CA SER A 63 -1.32 -18.36 8.51
C SER A 63 -0.61 -17.85 7.25
N ASP A 64 -0.36 -16.55 7.20
CA ASP A 64 0.32 -15.92 6.06
C ASP A 64 1.74 -15.58 6.49
N VAL A 65 2.60 -15.24 5.54
CA VAL A 65 3.99 -14.92 5.84
C VAL A 65 4.46 -13.57 5.27
N VAL A 66 5.31 -12.88 6.03
CA VAL A 66 5.86 -11.59 5.62
C VAL A 66 7.26 -11.84 5.03
N VAL A 67 7.51 -11.35 3.82
CA VAL A 67 8.80 -11.54 3.18
C VAL A 67 9.54 -10.22 3.01
N ALA A 68 10.71 -10.11 3.64
CA ALA A 68 11.52 -8.89 3.56
C ALA A 68 12.79 -9.07 2.76
N GLY A 69 13.38 -7.96 2.32
CA GLY A 69 14.62 -7.97 1.57
C GLY A 69 14.51 -8.60 0.19
N GLU A 70 13.32 -8.55 -0.38
CA GLU A 70 13.04 -9.14 -1.68
C GLU A 70 12.89 -8.12 -2.81
N PHE A 71 13.47 -8.43 -3.97
CA PHE A 71 13.39 -7.54 -5.14
C PHE A 71 12.68 -8.27 -6.27
N ASP A 72 13.28 -9.38 -6.69
CA ASP A 72 12.78 -10.23 -7.76
C ASP A 72 12.13 -11.43 -7.09
N GLN A 73 10.82 -11.51 -7.14
CA GLN A 73 10.12 -12.62 -6.50
C GLN A 73 10.35 -13.96 -7.17
N GLY A 74 10.86 -13.95 -8.40
CA GLY A 74 11.10 -15.20 -9.10
C GLY A 74 12.48 -15.77 -8.83
N SER A 75 13.33 -14.95 -8.22
CA SER A 75 14.70 -15.35 -7.91
C SER A 75 14.78 -16.14 -6.62
N SER A 76 15.79 -17.00 -6.54
CA SER A 76 16.00 -17.82 -5.36
C SER A 76 17.42 -17.56 -4.83
N SER A 77 18.10 -16.62 -5.47
CA SER A 77 19.46 -16.27 -5.09
C SER A 77 19.52 -15.09 -4.12
N GLU A 78 18.38 -14.41 -3.93
CA GLU A 78 18.34 -13.27 -3.03
C GLU A 78 18.36 -13.74 -1.58
N LYS A 79 18.81 -12.86 -0.69
CA LYS A 79 18.87 -13.17 0.73
C LYS A 79 17.65 -12.57 1.43
N ILE A 80 16.50 -13.18 1.21
CA ILE A 80 15.26 -12.68 1.80
C ILE A 80 15.10 -13.14 3.25
N GLN A 81 14.02 -12.68 3.88
CA GLN A 81 13.72 -13.06 5.26
C GLN A 81 12.24 -13.39 5.41
N LYS A 82 11.89 -14.67 5.41
CA LYS A 82 10.49 -15.04 5.57
C LYS A 82 10.21 -15.00 7.08
N LEU A 83 9.32 -14.11 7.49
CA LEU A 83 8.98 -13.96 8.90
C LEU A 83 7.55 -14.42 9.20
N LYS A 84 7.32 -14.92 10.40
CA LYS A 84 5.98 -15.39 10.77
C LYS A 84 5.19 -14.33 11.50
N ILE A 85 3.87 -14.34 11.29
CA ILE A 85 2.98 -13.38 11.92
C ILE A 85 2.48 -13.92 13.25
N ALA A 86 2.82 -13.23 14.33
CA ALA A 86 2.40 -13.65 15.65
C ALA A 86 0.95 -13.24 15.89
N LYS A 87 0.63 -12.00 15.57
CA LYS A 87 -0.72 -11.54 15.77
C LYS A 87 -1.09 -10.41 14.81
N VAL A 88 -2.36 -10.41 14.41
CA VAL A 88 -2.88 -9.41 13.49
C VAL A 88 -3.78 -8.45 14.24
N PHE A 89 -3.56 -7.15 14.04
CA PHE A 89 -4.38 -6.14 14.70
C PHE A 89 -5.11 -5.30 13.68
N LYS A 90 -6.33 -5.72 13.35
CA LYS A 90 -7.15 -5.02 12.38
C LYS A 90 -7.78 -3.81 13.04
N ASN A 91 -7.83 -2.69 12.34
CA ASN A 91 -8.42 -1.48 12.90
C ASN A 91 -9.92 -1.73 13.08
N SER A 92 -10.40 -1.51 14.30
CA SER A 92 -11.82 -1.73 14.61
C SER A 92 -12.79 -0.86 13.82
N LYS A 93 -12.38 0.34 13.42
CA LYS A 93 -13.26 1.21 12.67
C LYS A 93 -13.25 0.98 11.15
N TYR A 94 -12.66 -0.13 10.73
CA TYR A 94 -12.61 -0.45 9.31
C TYR A 94 -13.99 -0.88 8.86
N ASN A 95 -14.36 -0.44 7.66
CA ASN A 95 -15.66 -0.80 7.11
C ASN A 95 -15.46 -1.29 5.68
N SER A 96 -15.82 -2.54 5.41
CA SER A 96 -15.65 -3.08 4.07
C SER A 96 -16.67 -2.50 3.09
N LEU A 97 -17.47 -1.56 3.57
CA LEU A 97 -18.49 -0.94 2.73
C LEU A 97 -17.97 0.36 2.16
N THR A 98 -17.41 1.18 3.04
CA THR A 98 -16.85 2.47 2.65
C THR A 98 -15.35 2.41 2.44
N ILE A 99 -14.76 1.26 2.78
CA ILE A 99 -13.32 1.04 2.65
C ILE A 99 -12.57 2.14 3.38
N ASN A 100 -13.07 2.56 4.53
CA ASN A 100 -12.42 3.61 5.30
C ASN A 100 -11.67 3.01 6.47
N ASN A 101 -10.63 3.70 6.93
CA ASN A 101 -9.77 3.24 8.05
C ASN A 101 -9.23 1.88 7.65
N ASP A 102 -8.77 1.82 6.40
CA ASP A 102 -8.23 0.61 5.81
C ASP A 102 -6.80 0.40 6.28
N ILE A 103 -6.64 -0.09 7.51
CA ILE A 103 -5.29 -0.32 8.04
C ILE A 103 -5.23 -1.49 9.00
N THR A 104 -4.11 -2.19 8.98
CA THR A 104 -3.91 -3.35 9.84
C THR A 104 -2.43 -3.45 10.22
N LEU A 105 -2.18 -3.71 11.50
CA LEU A 105 -0.82 -3.85 11.98
C LEU A 105 -0.57 -5.35 12.11
N LEU A 106 0.66 -5.76 11.88
CA LEU A 106 1.02 -7.17 11.98
C LEU A 106 2.20 -7.31 12.92
N LYS A 107 1.99 -7.92 14.09
CA LYS A 107 3.12 -8.10 14.99
C LYS A 107 3.79 -9.40 14.59
N LEU A 108 5.10 -9.33 14.32
CA LEU A 108 5.84 -10.51 13.92
C LEU A 108 6.23 -11.39 15.09
N SER A 109 6.34 -12.69 14.85
CA SER A 109 6.70 -13.65 15.89
C SER A 109 8.21 -13.70 16.03
N THR A 110 8.90 -13.07 15.08
CA THR A 110 10.36 -13.01 15.10
C THR A 110 10.80 -11.73 14.42
N ALA A 111 11.45 -10.87 15.17
CA ALA A 111 11.92 -9.59 14.66
C ALA A 111 12.75 -9.75 13.40
N ALA A 112 12.69 -8.75 12.52
CA ALA A 112 13.46 -8.77 11.30
C ALA A 112 14.89 -8.34 11.64
N SER A 113 15.83 -8.57 10.74
CA SER A 113 17.21 -8.16 10.96
C SER A 113 17.48 -7.05 9.98
N PHE A 114 17.60 -5.82 10.47
CA PHE A 114 17.87 -4.73 9.57
C PHE A 114 19.27 -4.81 8.98
N SER A 115 19.37 -4.45 7.72
CA SER A 115 20.63 -4.49 7.00
C SER A 115 20.49 -3.53 5.85
N GLN A 116 21.33 -3.68 4.84
CA GLN A 116 21.29 -2.79 3.70
C GLN A 116 20.05 -2.90 2.84
N THR A 117 19.35 -4.02 2.94
CA THR A 117 18.15 -4.20 2.14
C THR A 117 16.88 -4.29 2.97
N VAL A 118 17.03 -4.26 4.29
CA VAL A 118 15.89 -4.34 5.18
C VAL A 118 15.98 -3.32 6.32
N SER A 119 15.06 -2.36 6.32
CA SER A 119 15.02 -1.33 7.36
C SER A 119 13.60 -0.76 7.43
N ALA A 120 13.39 0.16 8.37
CA ALA A 120 12.06 0.75 8.58
C ALA A 120 11.80 2.11 7.94
N VAL A 121 10.52 2.35 7.63
CA VAL A 121 10.06 3.61 7.06
C VAL A 121 9.61 4.45 8.26
N CYS A 122 9.61 5.77 8.11
CA CYS A 122 9.21 6.62 9.22
C CYS A 122 7.71 6.88 9.24
N LEU A 123 7.16 7.11 10.43
CA LEU A 123 5.75 7.41 10.57
C LEU A 123 5.63 8.92 10.81
N PRO A 124 4.56 9.55 10.30
CA PRO A 124 4.39 10.99 10.50
C PRO A 124 3.69 11.32 11.82
N SER A 125 3.57 12.61 12.09
CA SER A 125 2.90 13.09 13.29
C SER A 125 1.44 13.29 12.91
N ALA A 126 0.55 13.01 13.84
CA ALA A 126 -0.89 13.17 13.60
C ALA A 126 -1.18 14.56 13.06
N SER A 127 -0.29 15.49 13.35
CA SER A 127 -0.45 16.88 12.94
C SER A 127 0.28 17.20 11.63
N ASP A 128 1.26 16.38 11.27
CA ASP A 128 2.02 16.60 10.04
C ASP A 128 1.11 16.81 8.84
N ASP A 129 1.50 17.75 7.99
CA ASP A 129 0.70 18.06 6.80
C ASP A 129 1.51 17.98 5.52
N PHE A 130 0.97 17.27 4.54
CA PHE A 130 1.61 17.12 3.24
C PHE A 130 0.74 17.80 2.20
N ALA A 131 1.26 18.89 1.62
CA ALA A 131 0.55 19.69 0.63
C ALA A 131 0.19 18.96 -0.66
N ALA A 132 -0.92 19.38 -1.26
CA ALA A 132 -1.35 18.80 -2.52
C ALA A 132 -0.29 19.21 -3.51
N GLY A 133 -0.12 18.43 -4.57
CA GLY A 133 0.88 18.78 -5.57
C GLY A 133 2.25 18.23 -5.22
N THR A 134 2.42 17.79 -3.99
CA THR A 134 3.69 17.22 -3.54
C THR A 134 3.97 15.93 -4.28
N THR A 135 5.18 15.78 -4.79
CA THR A 135 5.53 14.56 -5.49
C THR A 135 5.97 13.51 -4.48
N CYS A 136 5.36 12.33 -4.54
CA CYS A 136 5.72 11.27 -3.64
C CYS A 136 5.93 10.02 -4.47
N VAL A 137 6.27 8.94 -3.81
CA VAL A 137 6.52 7.68 -4.49
C VAL A 137 5.71 6.54 -3.89
N THR A 138 5.25 5.63 -4.74
CA THR A 138 4.54 4.46 -4.28
C THR A 138 5.29 3.30 -4.94
N THR A 139 5.26 2.14 -4.31
CA THR A 139 5.99 0.99 -4.84
C THR A 139 5.16 -0.28 -4.75
N GLY A 140 5.62 -1.35 -5.40
CA GLY A 140 4.88 -2.59 -5.35
C GLY A 140 5.03 -3.55 -6.53
N TRP A 141 4.56 -4.77 -6.33
CA TRP A 141 4.59 -5.83 -7.34
C TRP A 141 3.18 -5.99 -7.89
N GLY A 142 2.52 -4.88 -8.19
CA GLY A 142 1.17 -4.96 -8.71
C GLY A 142 1.21 -5.04 -10.22
N LEU A 143 0.11 -5.44 -10.83
CA LEU A 143 0.02 -5.55 -12.28
C LEU A 143 0.62 -4.30 -12.96
N THR A 144 1.20 -4.49 -14.13
CA THR A 144 1.78 -3.37 -14.88
C THR A 144 0.84 -2.99 -16.02
N ARG A 145 -0.24 -3.75 -16.14
CA ARG A 145 -1.30 -3.54 -17.13
C ARG A 145 -2.51 -4.25 -16.57
N TYR A 146 -3.67 -3.62 -16.67
CA TYR A 146 -4.90 -4.24 -16.17
C TYR A 146 -5.18 -5.45 -17.06
N THR A 147 -4.56 -5.43 -18.23
CA THR A 147 -4.71 -6.47 -19.24
C THR A 147 -3.59 -7.53 -19.13
N ASN A 148 -3.01 -7.71 -17.94
CA ASN A 148 -1.93 -8.69 -17.76
C ASN A 148 -2.25 -9.92 -16.92
N ALA A 149 -3.13 -9.78 -15.94
CA ALA A 149 -3.48 -10.92 -15.08
C ALA A 149 -2.24 -11.73 -14.69
N ASN A 150 -1.13 -11.03 -14.45
CA ASN A 150 0.14 -11.60 -14.04
C ASN A 150 1.02 -10.45 -13.53
N THR A 151 1.36 -10.52 -12.25
CA THR A 151 2.16 -9.50 -11.62
C THR A 151 3.59 -9.54 -12.15
N PRO A 152 4.33 -8.43 -12.01
CA PRO A 152 5.71 -8.38 -12.49
C PRO A 152 6.60 -9.16 -11.53
N ASP A 153 7.74 -9.60 -12.03
CA ASP A 153 8.68 -10.36 -11.24
C ASP A 153 9.43 -9.41 -10.29
N ARG A 154 9.82 -8.26 -10.84
CA ARG A 154 10.58 -7.26 -10.11
C ARG A 154 9.81 -6.05 -9.60
N LEU A 155 10.14 -5.66 -8.36
CA LEU A 155 9.53 -4.53 -7.68
C LEU A 155 9.48 -3.24 -8.51
N GLN A 156 8.31 -2.63 -8.58
CA GLN A 156 8.09 -1.42 -9.36
C GLN A 156 7.98 -0.19 -8.47
N GLN A 157 8.21 0.98 -9.06
CA GLN A 157 8.12 2.24 -8.33
C GLN A 157 7.54 3.27 -9.27
N ALA A 158 6.93 4.32 -8.73
CA ALA A 158 6.34 5.37 -9.54
C ALA A 158 6.25 6.65 -8.74
N SER A 159 6.43 7.79 -9.41
CA SER A 159 6.32 9.06 -8.73
C SER A 159 4.93 9.58 -9.04
N LEU A 160 4.30 10.22 -8.07
CA LEU A 160 2.96 10.75 -8.32
C LEU A 160 2.68 11.89 -7.37
N PRO A 161 1.81 12.81 -7.79
CA PRO A 161 1.44 13.96 -6.97
C PRO A 161 0.31 13.65 -6.01
N LEU A 162 0.25 14.42 -4.92
CA LEU A 162 -0.83 14.25 -3.95
C LEU A 162 -1.93 15.21 -4.37
N LEU A 163 -3.18 14.81 -4.18
CA LEU A 163 -4.30 15.66 -4.53
C LEU A 163 -4.96 16.12 -3.26
N SER A 164 -5.63 17.26 -3.32
CA SER A 164 -6.34 17.75 -2.15
C SER A 164 -7.63 16.92 -2.14
N ASN A 165 -8.13 16.56 -0.95
CA ASN A 165 -9.35 15.78 -0.88
C ASN A 165 -10.48 16.45 -1.67
N THR A 166 -10.41 17.78 -1.79
CA THR A 166 -11.43 18.52 -2.52
C THR A 166 -11.42 18.20 -4.01
N ASN A 167 -10.26 18.21 -4.63
CA ASN A 167 -10.18 17.88 -6.05
C ASN A 167 -10.47 16.40 -6.24
N CYS A 168 -9.97 15.58 -5.32
CA CYS A 168 -10.19 14.15 -5.43
C CYS A 168 -11.68 13.79 -5.46
N LYS A 169 -12.50 14.58 -4.76
CA LYS A 169 -13.94 14.30 -4.74
C LYS A 169 -14.61 14.53 -6.09
N LYS A 170 -13.97 15.30 -6.96
CA LYS A 170 -14.51 15.56 -8.29
C LYS A 170 -14.46 14.26 -9.07
N TYR A 171 -13.66 13.32 -8.60
CA TYR A 171 -13.50 12.03 -9.24
C TYR A 171 -14.34 10.96 -8.57
N TRP A 172 -14.29 10.92 -7.23
CA TRP A 172 -15.03 9.90 -6.49
C TRP A 172 -16.23 10.32 -5.65
N GLY A 173 -16.58 11.60 -5.69
CA GLY A 173 -17.72 12.04 -4.91
C GLY A 173 -17.50 11.94 -3.42
N THR A 174 -18.55 11.57 -2.69
CA THR A 174 -18.46 11.48 -1.24
C THR A 174 -17.90 10.18 -0.66
N LYS A 175 -17.29 9.35 -1.50
CA LYS A 175 -16.69 8.12 -1.00
C LYS A 175 -15.37 8.46 -0.31
N ILE A 176 -14.86 9.64 -0.61
CA ILE A 176 -13.60 10.12 -0.05
C ILE A 176 -13.81 10.69 1.36
N LYS A 177 -13.39 9.94 2.36
CA LYS A 177 -13.53 10.35 3.75
C LYS A 177 -12.29 11.10 4.23
N ASP A 178 -12.26 11.47 5.50
CA ASP A 178 -11.13 12.21 6.06
C ASP A 178 -9.89 11.35 6.26
N ALA A 179 -10.09 10.05 6.46
CA ALA A 179 -8.99 9.12 6.68
C ALA A 179 -8.49 8.53 5.35
N MET A 180 -8.64 9.31 4.27
CA MET A 180 -8.24 8.91 2.95
C MET A 180 -7.50 10.04 2.27
N ILE A 181 -6.49 9.70 1.48
CA ILE A 181 -5.71 10.68 0.74
C ILE A 181 -5.56 10.14 -0.67
N CYS A 182 -5.59 11.01 -1.67
CA CYS A 182 -5.47 10.57 -3.05
C CYS A 182 -4.18 11.04 -3.70
N ALA A 183 -3.72 10.27 -4.66
CA ALA A 183 -2.52 10.58 -5.40
C ALA A 183 -2.63 9.94 -6.76
N GLY A 184 -2.03 10.55 -7.77
CA GLY A 184 -2.10 9.95 -9.09
C GLY A 184 -2.80 10.77 -10.16
N ALA A 185 -3.51 10.07 -11.04
CA ALA A 185 -4.21 10.71 -12.15
C ALA A 185 -3.16 11.49 -12.93
N SER A 186 -1.93 10.97 -12.92
CA SER A 186 -0.80 11.61 -13.57
C SER A 186 -0.07 10.78 -14.62
N GLY A 187 -0.60 9.62 -14.99
CA GLY A 187 0.07 8.79 -15.98
C GLY A 187 0.38 7.42 -15.42
N VAL A 188 0.36 7.32 -14.10
CA VAL A 188 0.62 6.08 -13.38
C VAL A 188 -0.61 5.69 -12.57
N SER A 189 -0.60 4.47 -12.04
CA SER A 189 -1.72 3.98 -11.25
C SER A 189 -1.38 2.70 -10.52
N SER A 190 -1.74 2.61 -9.23
CA SER A 190 -1.48 1.38 -8.50
C SER A 190 -2.44 0.39 -9.13
N CYS A 191 -2.24 -0.90 -8.90
CA CYS A 191 -3.11 -1.89 -9.50
C CYS A 191 -3.18 -3.18 -8.67
N MET A 192 -4.05 -4.10 -9.07
CA MET A 192 -4.19 -5.37 -8.35
C MET A 192 -2.82 -5.86 -7.89
N GLY A 193 -2.70 -6.16 -6.60
CA GLY A 193 -1.45 -6.64 -6.05
C GLY A 193 -0.67 -5.59 -5.28
N ASP A 194 -1.05 -4.32 -5.43
CA ASP A 194 -0.38 -3.22 -4.75
C ASP A 194 -0.94 -2.91 -3.37
N SER A 195 -2.15 -3.40 -3.08
CA SER A 195 -2.79 -3.16 -1.78
C SER A 195 -1.86 -3.38 -0.58
N GLY A 196 -1.97 -2.49 0.41
CA GLY A 196 -1.15 -2.60 1.61
C GLY A 196 0.22 -1.98 1.45
N GLY A 197 0.61 -1.73 0.20
CA GLY A 197 1.90 -1.15 -0.11
C GLY A 197 2.00 0.28 0.38
N PRO A 198 3.19 0.88 0.36
CA PRO A 198 3.35 2.25 0.83
C PRO A 198 3.22 3.37 -0.19
N LEU A 199 3.07 4.58 0.33
CA LEU A 199 3.00 5.82 -0.45
C LEU A 199 3.87 6.69 0.44
N VAL A 200 5.12 6.88 0.04
CA VAL A 200 6.02 7.66 0.87
C VAL A 200 6.52 8.95 0.26
N CYS A 201 6.65 9.97 1.10
CA CYS A 201 7.15 11.28 0.66
C CYS A 201 8.39 11.58 1.49
N LYS A 202 9.38 12.23 0.88
CA LYS A 202 10.60 12.56 1.59
C LYS A 202 10.44 13.92 2.27
N LYS A 203 10.60 13.94 3.59
CA LYS A 203 10.44 15.18 4.32
C LYS A 203 11.58 15.33 5.32
N ASN A 204 12.20 16.51 5.33
CA ASN A 204 13.30 16.79 6.23
C ASN A 204 14.40 15.74 6.13
N GLY A 205 14.58 15.19 4.94
CA GLY A 205 15.64 14.23 4.73
C GLY A 205 15.37 12.76 4.92
N ALA A 206 14.15 12.40 5.31
CA ALA A 206 13.84 10.99 5.50
C ALA A 206 12.52 10.64 4.85
N TRP A 207 12.38 9.37 4.46
CA TRP A 207 11.15 8.91 3.82
C TRP A 207 10.07 8.61 4.85
N THR A 208 8.93 9.25 4.65
CA THR A 208 7.79 9.09 5.55
C THR A 208 6.60 8.42 4.88
N LEU A 209 6.01 7.46 5.58
CA LEU A 209 4.85 6.74 5.09
C LEU A 209 3.62 7.62 5.30
N VAL A 210 3.09 8.19 4.22
CA VAL A 210 1.91 9.06 4.34
C VAL A 210 0.64 8.37 3.86
N GLY A 211 0.80 7.31 3.08
CA GLY A 211 -0.35 6.59 2.58
C GLY A 211 -0.15 5.09 2.44
N ILE A 212 -1.27 4.38 2.47
CA ILE A 212 -1.28 2.93 2.32
C ILE A 212 -2.20 2.65 1.14
N VAL A 213 -1.70 1.94 0.13
CA VAL A 213 -2.52 1.61 -1.06
C VAL A 213 -3.85 0.95 -0.63
N SER A 214 -4.96 1.60 -0.96
CA SER A 214 -6.27 1.09 -0.57
C SER A 214 -7.16 0.67 -1.73
N TRP A 215 -7.66 1.62 -2.51
CA TRP A 215 -8.52 1.29 -3.63
C TRP A 215 -8.46 2.38 -4.70
N GLY A 216 -9.08 2.10 -5.84
CA GLY A 216 -9.08 3.05 -6.94
C GLY A 216 -9.83 2.50 -8.13
N SER A 217 -9.58 3.04 -9.32
CA SER A 217 -10.23 2.61 -10.55
C SER A 217 -10.19 1.11 -10.77
N SER A 218 -11.32 0.53 -11.16
CA SER A 218 -11.40 -0.92 -11.38
C SER A 218 -10.54 -1.39 -12.55
N THR A 219 -10.06 -0.47 -13.37
CA THR A 219 -9.22 -0.86 -14.49
C THR A 219 -7.85 -0.19 -14.41
N CYS A 220 -7.50 0.26 -13.21
CA CYS A 220 -6.22 0.91 -12.97
C CYS A 220 -5.99 2.04 -13.95
N SER A 221 -7.03 2.86 -14.14
CA SER A 221 -6.98 3.99 -15.05
C SER A 221 -5.91 4.96 -14.60
N THR A 222 -4.92 5.20 -15.45
CA THR A 222 -3.83 6.10 -15.12
C THR A 222 -4.27 7.55 -15.09
N SER A 223 -5.52 7.82 -15.44
CA SER A 223 -6.01 9.20 -15.42
C SER A 223 -7.07 9.41 -14.34
N THR A 224 -7.14 8.49 -13.39
CA THR A 224 -8.05 8.56 -12.26
C THR A 224 -7.20 8.47 -10.99
N PRO A 225 -7.43 9.37 -10.02
CA PRO A 225 -6.64 9.32 -8.79
C PRO A 225 -6.86 8.05 -8.00
N GLY A 226 -5.78 7.52 -7.41
CA GLY A 226 -5.87 6.33 -6.60
C GLY A 226 -6.13 6.75 -5.16
N VAL A 227 -6.75 5.89 -4.37
CA VAL A 227 -7.06 6.25 -2.99
C VAL A 227 -6.21 5.45 -2.02
N TYR A 228 -5.63 6.15 -1.05
CA TYR A 228 -4.78 5.53 -0.05
C TYR A 228 -5.28 5.87 1.35
N ALA A 229 -5.13 4.94 2.29
CA ALA A 229 -5.53 5.19 3.67
C ALA A 229 -4.57 6.28 4.16
N ARG A 230 -5.12 7.35 4.75
CA ARG A 230 -4.29 8.46 5.22
C ARG A 230 -3.65 8.20 6.58
N VAL A 231 -2.35 7.91 6.57
CA VAL A 231 -1.62 7.60 7.79
C VAL A 231 -1.65 8.65 8.91
N THR A 232 -1.60 9.94 8.56
CA THR A 232 -1.62 10.96 9.62
C THR A 232 -2.89 10.85 10.45
N ALA A 233 -3.97 10.42 9.80
CA ALA A 233 -5.26 10.27 10.45
C ALA A 233 -5.40 8.92 11.13
N LEU A 234 -4.32 8.13 11.17
CA LEU A 234 -4.38 6.81 11.79
C LEU A 234 -3.19 6.47 12.69
N VAL A 235 -2.21 7.38 12.78
CA VAL A 235 -1.03 7.14 13.60
C VAL A 235 -1.31 6.98 15.09
N ASN A 236 -2.22 7.77 15.64
CA ASN A 236 -2.50 7.64 17.07
C ASN A 236 -2.86 6.20 17.37
N TRP A 237 -3.74 5.64 16.55
CA TRP A 237 -4.16 4.25 16.70
C TRP A 237 -2.97 3.32 16.60
N VAL A 238 -2.13 3.54 15.59
CA VAL A 238 -0.93 2.72 15.37
C VAL A 238 -0.01 2.77 16.58
N GLN A 239 0.23 3.98 17.09
CA GLN A 239 1.09 4.19 18.23
C GLN A 239 0.58 3.52 19.48
N GLN A 240 -0.71 3.68 19.77
CA GLN A 240 -1.30 3.07 20.95
C GLN A 240 -1.21 1.55 20.90
N THR A 241 -1.39 0.98 19.71
CA THR A 241 -1.32 -0.46 19.57
C THR A 241 0.07 -0.96 19.89
N LEU A 242 1.09 -0.26 19.39
CA LEU A 242 2.48 -0.66 19.65
C LEU A 242 2.79 -0.52 21.14
N ALA A 243 2.36 0.60 21.73
CA ALA A 243 2.61 0.87 23.12
C ALA A 243 2.00 -0.17 24.06
N ALA A 244 0.82 -0.67 23.68
CA ALA A 244 0.12 -1.64 24.50
C ALA A 244 0.46 -3.09 24.22
N ASN A 245 1.02 -3.37 23.04
CA ASN A 245 1.35 -4.74 22.70
C ASN A 245 2.84 -4.92 22.44
N LYS B 3 -17.73 2.10 -14.38
CA LYS B 3 -19.00 2.88 -14.57
C LYS B 3 -20.20 2.06 -14.06
N CYS B 4 -21.16 2.72 -13.41
CA CYS B 4 -22.31 2.01 -12.83
C CYS B 4 -23.43 2.91 -12.32
N THR B 5 -24.23 2.35 -11.43
CA THR B 5 -25.37 3.03 -10.79
C THR B 5 -25.01 3.29 -9.33
N PRO B 6 -24.83 4.56 -8.93
CA PRO B 6 -24.47 4.91 -7.56
C PRO B 6 -25.23 4.10 -6.49
N GLY B 7 -24.51 3.36 -5.67
CA GLY B 7 -25.13 2.57 -4.62
C GLY B 7 -24.80 1.09 -4.57
N GLN B 8 -24.85 0.43 -5.72
CA GLN B 8 -24.57 -1.01 -5.82
C GLN B 8 -23.15 -1.42 -5.47
N VAL B 9 -23.05 -2.58 -4.83
CA VAL B 9 -21.75 -3.13 -4.43
C VAL B 9 -21.48 -4.46 -5.14
N LYS B 10 -20.57 -4.45 -6.11
CA LYS B 10 -20.22 -5.65 -6.87
C LYS B 10 -18.96 -6.31 -6.28
N GLN B 11 -18.49 -7.37 -6.95
CA GLN B 11 -17.30 -8.09 -6.50
C GLN B 11 -16.42 -8.55 -7.65
N GLN B 12 -15.18 -8.10 -7.66
CA GLN B 12 -14.23 -8.53 -8.67
C GLN B 12 -13.85 -9.96 -8.33
N ASP B 13 -12.74 -10.44 -8.89
CA ASP B 13 -12.31 -11.81 -8.62
C ASP B 13 -12.35 -12.07 -7.11
N CYS B 14 -11.66 -11.21 -6.35
CA CYS B 14 -11.61 -11.33 -4.90
C CYS B 14 -11.56 -9.95 -4.27
N ASN B 15 -12.07 -8.95 -4.99
CA ASN B 15 -12.08 -7.58 -4.52
C ASN B 15 -13.50 -7.04 -4.41
N THR B 16 -13.70 -6.13 -3.47
CA THR B 16 -15.00 -5.51 -3.25
C THR B 16 -15.06 -4.20 -3.99
N CYS B 17 -16.17 -3.96 -4.69
CA CYS B 17 -16.35 -2.72 -5.44
C CYS B 17 -17.59 -2.01 -4.93
N THR B 18 -17.52 -0.70 -4.82
CA THR B 18 -18.67 0.09 -4.36
C THR B 18 -18.85 1.26 -5.31
N CYS B 19 -19.92 1.22 -6.10
CA CYS B 19 -20.18 2.30 -7.04
C CYS B 19 -20.32 3.60 -6.25
N THR B 20 -19.32 4.46 -6.41
CA THR B 20 -19.29 5.76 -5.72
C THR B 20 -20.39 6.70 -6.22
N PRO B 21 -20.74 7.74 -5.43
CA PRO B 21 -21.77 8.70 -5.81
C PRO B 21 -21.66 9.17 -7.26
N THR B 22 -20.44 9.15 -7.79
CA THR B 22 -20.19 9.58 -9.16
C THR B 22 -20.36 8.46 -10.19
N GLY B 23 -21.01 7.37 -9.78
CA GLY B 23 -21.24 6.25 -10.67
C GLY B 23 -20.05 5.58 -11.34
N VAL B 24 -19.01 5.27 -10.57
CA VAL B 24 -17.83 4.60 -11.11
C VAL B 24 -17.36 3.50 -10.17
N TRP B 25 -16.89 2.41 -10.76
CA TRP B 25 -16.41 1.25 -10.01
C TRP B 25 -15.07 1.46 -9.30
N GLY B 26 -15.15 1.69 -7.98
CA GLY B 26 -13.95 1.85 -7.19
C GLY B 26 -13.79 0.57 -6.37
N CYS B 27 -12.80 -0.25 -6.73
CA CYS B 27 -12.57 -1.52 -6.02
C CYS B 27 -11.23 -1.54 -5.28
N THR B 28 -11.07 -2.54 -4.41
CA THR B 28 -9.84 -2.72 -3.65
C THR B 28 -8.77 -3.25 -4.62
N LEU B 29 -7.50 -3.02 -4.31
CA LEU B 29 -6.42 -3.46 -5.19
C LEU B 29 -5.60 -4.64 -4.68
N MET B 30 -6.28 -5.58 -4.02
CA MET B 30 -5.62 -6.78 -3.50
C MET B 30 -5.27 -7.73 -4.65
N GLY B 31 -4.39 -8.70 -4.37
CA GLY B 31 -3.99 -9.66 -5.38
C GLY B 31 -4.80 -10.94 -5.32
N CYS B 32 -5.48 -11.27 -6.43
CA CYS B 32 -6.32 -12.47 -6.50
C CYS B 32 -5.67 -13.63 -7.26
N GLN B 33 -5.49 -14.75 -6.58
CA GLN B 33 -4.87 -15.93 -7.18
C GLN B 33 -5.68 -16.63 -8.26
N PRO B 34 -7.00 -16.82 -8.02
CA PRO B 34 -7.85 -17.50 -9.01
C PRO B 34 -7.61 -17.07 -10.47
#